data_3POO
#
_entry.id   3POO
#
_cell.length_a   72.870
_cell.length_b   74.940
_cell.length_c   79.700
_cell.angle_alpha   90.00
_cell.angle_beta   90.00
_cell.angle_gamma   90.00
#
_symmetry.space_group_name_H-M   'P 21 21 21'
#
loop_
_entity.id
_entity.type
_entity.pdbx_description
1 polymer 'cAMP-dependent protein kinase catalytic subunit alpha'
2 polymer 'cAMP-dependent protein kinase inhibitor alpha'
3 non-polymer "N'-[(E)-(2,4-dihydroxy-6-methylphenyl)methylidene]-2-(3-methoxyphenyl)acetohydrazide"
4 non-polymer (2S,3S)-butane-2,3-diol
5 water water
#
loop_
_entity_poly.entity_id
_entity_poly.type
_entity_poly.pdbx_seq_one_letter_code
_entity_poly.pdbx_strand_id
1 'polypeptide(L)'
;MGNAAAAKKGSEQESVKEFLAKAKEDFLKKWESPAQNTAHLDQFERIKTLGTGSFGRVMLVKHKETGNHYAMKILDKQKV
VKLKQIEHTLNEKRILQAVNFPFLVKLEFSFKDNSNLYMVMEYVPGGEMFSHLRRIGRFSEPHARFYAAQIVLTFEYLHS
LDLIYRDLKPENLLIDQQGYIQVTDFGFAKRVKGRTW(TPO)LCGTPEYLAPEIILSKGYNKAVDWWALGVLIYEMAAGY
PPFFADQPIQIYEKIVSGKVRFPSHFSSDLKDLLRNLLQVDLTKRFGNLKNGVNDIKNHKWFATTDWIAIYQRKVEAPFI
PKFKGPGDTSNFDDYEEEEIRV(SEP)INEKCGKEFSEF
;
A
2 'polypeptide(L)' TTYADFIASGRTGRRNAIHD B
#
loop_
_chem_comp.id
_chem_comp.type
_chem_comp.name
_chem_comp.formula
BUD non-polymer (2S,3S)-butane-2,3-diol 'C4 H10 O2'
S69 non-polymer N'-[(E)-(2,4-dihydroxy-6-methylphenyl)methylidene]-2-(3-methoxyphenyl)acetohydrazide 'C17 H18 N2 O4'
#
# COMPACT_ATOMS: atom_id res chain seq x y z
N SER A 15 -23.47 1.25 -13.97
CA SER A 15 -22.86 -0.04 -13.69
C SER A 15 -21.40 0.15 -13.28
N VAL A 16 -20.78 -0.93 -12.78
CA VAL A 16 -19.38 -0.86 -12.42
C VAL A 16 -18.52 -0.44 -13.60
N LYS A 17 -18.77 -1.04 -14.76
CA LYS A 17 -18.03 -0.70 -15.98
C LYS A 17 -18.21 0.78 -16.31
N GLU A 18 -19.39 1.30 -16.02
CA GLU A 18 -19.73 2.70 -16.29
C GLU A 18 -19.02 3.62 -15.31
N PHE A 19 -19.04 3.25 -14.03
CA PHE A 19 -18.38 4.02 -12.99
C PHE A 19 -16.89 4.09 -13.25
N LEU A 20 -16.30 2.95 -13.60
CA LEU A 20 -14.88 2.90 -13.89
C LEU A 20 -14.50 3.72 -15.13
N ALA A 21 -15.33 3.64 -16.17
CA ALA A 21 -15.05 4.42 -17.37
C ALA A 21 -14.97 5.90 -17.06
N LYS A 22 -15.87 6.38 -16.20
CA LYS A 22 -15.89 7.78 -15.79
C LYS A 22 -14.71 8.07 -14.86
N ALA A 23 -14.37 7.10 -14.02
CA ALA A 23 -13.22 7.23 -13.13
C ALA A 23 -11.98 7.45 -13.97
N LYS A 24 -11.91 6.73 -15.09
CA LYS A 24 -10.76 6.82 -15.97
C LYS A 24 -10.66 8.16 -16.68
N GLU A 25 -11.79 8.72 -17.09
CA GLU A 25 -11.78 10.03 -17.72
C GLU A 25 -11.15 11.06 -16.79
N ASP A 26 -11.53 11.02 -15.52
CA ASP A 26 -11.00 11.94 -14.51
C ASP A 26 -9.49 11.75 -14.32
N PHE A 27 -9.10 10.49 -14.16
CA PHE A 27 -7.68 10.14 -13.97
C PHE A 27 -6.81 10.61 -15.14
N LEU A 28 -7.23 10.34 -16.37
CA LEU A 28 -6.41 10.63 -17.53
C LEU A 28 -6.14 12.13 -17.69
N LYS A 29 -7.12 12.96 -17.35
CA LYS A 29 -6.93 14.41 -17.41
C LYS A 29 -5.79 14.82 -16.47
N LYS A 30 -5.78 14.27 -15.27
CA LYS A 30 -4.76 14.63 -14.30
C LYS A 30 -3.42 13.97 -14.62
N TRP A 31 -3.49 12.75 -15.15
CA TRP A 31 -2.29 12.03 -15.58
C TRP A 31 -1.55 12.76 -16.69
N GLU A 32 -2.30 13.32 -17.64
CA GLU A 32 -1.68 14.03 -18.76
C GLU A 32 -1.23 15.44 -18.40
N SER A 33 -1.82 16.02 -17.36
CA SER A 33 -1.46 17.37 -16.93
C SER A 33 -1.33 17.45 -15.39
N PRO A 34 -0.24 16.87 -14.86
CA PRO A 34 -0.08 16.75 -13.40
C PRO A 34 0.05 18.06 -12.64
N ALA A 35 -0.53 18.11 -11.44
CA ALA A 35 -0.33 19.24 -10.52
C ALA A 35 1.14 19.29 -10.11
N GLN A 36 1.68 20.50 -10.03
CA GLN A 36 3.10 20.71 -9.73
C GLN A 36 3.30 22.00 -8.93
N ASN A 37 4.20 21.94 -7.95
CA ASN A 37 4.58 23.13 -7.20
C ASN A 37 3.38 23.86 -6.59
N THR A 38 2.62 23.16 -5.74
CA THR A 38 1.35 23.70 -5.25
C THR A 38 1.40 24.17 -3.80
N ALA A 39 2.56 24.07 -3.18
CA ALA A 39 2.81 24.70 -1.88
C ALA A 39 4.30 24.95 -1.68
N HIS A 40 4.67 25.41 -0.50
CA HIS A 40 6.07 25.63 -0.13
CA HIS A 40 6.08 25.54 -0.15
C HIS A 40 6.32 25.18 1.32
N LEU A 41 7.55 24.80 1.62
CA LEU A 41 7.88 24.25 2.94
C LEU A 41 7.42 25.15 4.10
N ASP A 42 7.58 26.46 3.93
CA ASP A 42 7.36 27.36 5.06
C ASP A 42 5.87 27.57 5.35
N GLN A 43 5.01 26.99 4.52
CA GLN A 43 3.58 27.06 4.76
C GLN A 43 3.10 26.07 5.82
N PHE A 44 4.01 25.20 6.29
CA PHE A 44 3.64 24.13 7.21
C PHE A 44 4.50 24.14 8.46
N GLU A 45 3.85 24.00 9.61
CA GLU A 45 4.57 23.82 10.86
C GLU A 45 4.80 22.33 11.05
N ARG A 46 6.04 21.91 11.25
CA ARG A 46 6.35 20.49 11.39
C ARG A 46 6.26 20.07 12.85
N ILE A 47 5.57 18.96 13.10
CA ILE A 47 5.24 18.58 14.47
C ILE A 47 5.99 17.33 14.94
N LYS A 48 5.94 16.26 14.17
CA LYS A 48 6.41 14.97 14.67
C LYS A 48 6.49 13.96 13.56
N THR A 49 7.51 13.10 13.59
CA THR A 49 7.63 12.03 12.60
C THR A 49 6.63 10.90 12.89
N LEU A 50 5.89 10.52 11.85
CA LEU A 50 4.86 9.47 11.93
C LEU A 50 5.32 8.15 11.35
N GLY A 51 6.34 8.20 10.49
CA GLY A 51 6.87 7.01 9.86
C GLY A 51 8.13 7.35 9.08
N THR A 52 8.90 6.33 8.72
CA THR A 52 10.10 6.56 7.93
C THR A 52 10.18 5.57 6.79
N GLY A 53 11.16 5.76 5.93
CA GLY A 53 11.33 4.92 4.76
C GLY A 53 12.70 5.15 4.15
N SER A 54 13.02 4.43 3.08
CA SER A 54 14.39 4.47 2.54
C SER A 54 14.91 5.87 2.20
N PHE A 55 14.01 6.75 1.78
CA PHE A 55 14.41 8.08 1.26
C PHE A 55 14.25 9.19 2.28
N GLY A 56 13.63 8.91 3.42
CA GLY A 56 13.30 10.00 4.33
C GLY A 56 12.25 9.66 5.36
N ARG A 57 11.30 10.56 5.56
CA ARG A 57 10.38 10.41 6.68
C ARG A 57 9.04 11.05 6.33
N VAL A 58 8.02 10.68 7.09
CA VAL A 58 6.71 11.34 6.98
C VAL A 58 6.42 12.01 8.29
N MET A 59 6.12 13.30 8.24
CA MET A 59 5.85 14.08 9.45
C MET A 59 4.42 14.61 9.52
N LEU A 60 3.86 14.59 10.72
CA LEU A 60 2.64 15.34 10.96
C LEU A 60 3.01 16.81 10.85
N VAL A 61 2.23 17.57 10.07
CA VAL A 61 2.43 19.02 9.93
C VAL A 61 1.10 19.73 10.04
N LYS A 62 1.14 21.02 10.36
CA LYS A 62 -0.06 21.85 10.37
C LYS A 62 0.08 22.94 9.31
N HIS A 63 -0.89 23.00 8.40
CA HIS A 63 -0.94 24.05 7.39
C HIS A 63 -1.28 25.36 8.10
N LYS A 64 -0.36 26.31 8.06
CA LYS A 64 -0.48 27.50 8.92
C LYS A 64 -1.74 28.31 8.64
N GLU A 65 -2.08 28.48 7.36
CA GLU A 65 -3.16 29.39 6.99
C GLU A 65 -4.55 28.87 7.36
N THR A 66 -4.69 27.56 7.46
CA THR A 66 -5.99 26.94 7.73
C THR A 66 -6.05 26.19 9.06
N GLY A 67 -4.90 25.82 9.61
CA GLY A 67 -4.88 24.98 10.78
C GLY A 67 -5.16 23.52 10.48
N ASN A 68 -5.25 23.16 9.20
CA ASN A 68 -5.44 21.75 8.83
C ASN A 68 -4.17 20.94 9.09
N HIS A 69 -4.33 19.70 9.55
CA HIS A 69 -3.21 18.78 9.70
C HIS A 69 -3.05 17.90 8.47
N TYR A 70 -1.80 17.60 8.12
CA TYR A 70 -1.48 16.73 6.99
C TYR A 70 -0.29 15.87 7.36
N ALA A 71 0.03 14.90 6.52
CA ALA A 71 1.22 14.08 6.68
C ALA A 71 2.15 14.39 5.53
N MET A 72 3.31 14.97 5.85
CA MET A 72 4.23 15.41 4.81
C MET A 72 5.36 14.41 4.63
N LYS A 73 5.37 13.76 3.47
CA LYS A 73 6.46 12.83 3.15
C LYS A 73 7.62 13.62 2.56
N ILE A 74 8.81 13.45 3.14
CA ILE A 74 9.99 14.22 2.75
C ILE A 74 11.01 13.24 2.17
N LEU A 75 11.37 13.41 0.90
CA LEU A 75 12.26 12.50 0.21
C LEU A 75 13.57 13.20 -0.12
N ASP A 76 14.68 12.68 0.39
CA ASP A 76 15.99 13.21 0.05
C ASP A 76 16.36 12.85 -1.38
N LYS A 77 16.51 13.85 -2.26
CA LYS A 77 16.73 13.57 -3.68
C LYS A 77 17.97 12.71 -3.91
N GLN A 78 19.03 12.97 -3.16
CA GLN A 78 20.27 12.22 -3.33
C GLN A 78 20.09 10.74 -2.95
N LYS A 79 19.29 10.45 -1.93
CA LYS A 79 19.04 9.06 -1.56
C LYS A 79 18.22 8.34 -2.64
N VAL A 80 17.27 9.06 -3.22
CA VAL A 80 16.48 8.49 -4.30
C VAL A 80 17.38 8.08 -5.46
N VAL A 81 18.30 8.97 -5.82
CA VAL A 81 19.20 8.72 -6.94
C VAL A 81 20.14 7.55 -6.63
N LYS A 82 20.68 7.51 -5.42
CA LYS A 82 21.58 6.42 -5.02
C LYS A 82 20.95 5.04 -5.11
N LEU A 83 19.65 4.96 -4.83
CA LEU A 83 18.92 3.70 -4.86
C LEU A 83 18.29 3.42 -6.23
N LYS A 84 18.58 4.29 -7.19
CA LYS A 84 18.09 4.15 -8.57
C LYS A 84 16.57 4.16 -8.64
N GLN A 85 15.97 5.06 -7.86
CA GLN A 85 14.52 5.12 -7.76
C GLN A 85 13.92 6.39 -8.34
N ILE A 86 14.65 7.07 -9.22
CA ILE A 86 14.12 8.31 -9.82
C ILE A 86 12.80 8.07 -10.52
N GLU A 87 12.77 7.14 -11.47
CA GLU A 87 11.56 6.94 -12.25
C GLU A 87 10.42 6.45 -11.37
N HIS A 88 10.74 5.57 -10.42
CA HIS A 88 9.71 5.14 -9.47
C HIS A 88 9.10 6.29 -8.67
N THR A 89 9.93 7.25 -8.28
CA THR A 89 9.45 8.40 -7.48
C THR A 89 8.62 9.34 -8.36
N LEU A 90 9.06 9.53 -9.60
CA LEU A 90 8.23 10.28 -10.54
C LEU A 90 6.86 9.57 -10.76
N ASN A 91 6.87 8.24 -10.91
CA ASN A 91 5.60 7.46 -10.96
C ASN A 91 4.73 7.75 -9.73
N GLU A 92 5.34 7.65 -8.56
CA GLU A 92 4.61 7.78 -7.31
C GLU A 92 3.80 9.07 -7.29
N LYS A 93 4.45 10.18 -7.58
CA LYS A 93 3.80 11.48 -7.47
C LYS A 93 2.82 11.71 -8.61
N ARG A 94 3.18 11.31 -9.83
CA ARG A 94 2.30 11.51 -10.97
C ARG A 94 1.02 10.69 -10.81
N ILE A 95 1.16 9.47 -10.31
CA ILE A 95 -0.02 8.61 -10.13
C ILE A 95 -0.87 9.10 -8.97
N LEU A 96 -0.25 9.39 -7.81
CA LEU A 96 -1.04 9.73 -6.63
C LEU A 96 -1.83 11.02 -6.84
N GLN A 97 -1.23 12.00 -7.51
CA GLN A 97 -1.95 13.26 -7.74
C GLN A 97 -3.15 13.08 -8.68
N ALA A 98 -3.19 11.97 -9.40
CA ALA A 98 -4.21 11.73 -10.42
C ALA A 98 -5.37 10.83 -9.98
N VAL A 99 -5.18 10.08 -8.89
CA VAL A 99 -6.20 9.14 -8.46
C VAL A 99 -7.17 9.76 -7.45
N ASN A 100 -8.30 9.08 -7.27
CA ASN A 100 -9.37 9.53 -6.40
C ASN A 100 -10.26 8.35 -6.06
N PHE A 101 -10.13 7.84 -4.84
CA PHE A 101 -10.94 6.71 -4.40
C PHE A 101 -11.06 6.76 -2.86
N PRO A 102 -12.18 6.29 -2.31
CA PRO A 102 -12.40 6.47 -0.87
C PRO A 102 -11.33 5.86 0.02
N PHE A 103 -10.64 4.82 -0.46
CA PHE A 103 -9.66 4.13 0.37
C PHE A 103 -8.23 4.36 -0.10
N LEU A 104 -8.02 5.43 -0.86
CA LEU A 104 -6.68 5.87 -1.22
C LEU A 104 -6.34 7.19 -0.52
N VAL A 105 -5.18 7.26 0.13
CA VAL A 105 -4.75 8.52 0.73
C VAL A 105 -4.64 9.62 -0.33
N LYS A 106 -5.13 10.81 -0.02
CA LYS A 106 -5.11 11.93 -0.96
C LYS A 106 -3.79 12.69 -0.92
N LEU A 107 -3.27 13.03 -2.10
CA LEU A 107 -2.13 13.94 -2.19
C LEU A 107 -2.64 15.36 -2.32
N GLU A 108 -2.46 16.14 -1.26
CA GLU A 108 -3.04 17.47 -1.18
C GLU A 108 -2.18 18.53 -1.86
N PHE A 109 -0.86 18.45 -1.66
CA PHE A 109 0.09 19.38 -2.27
C PHE A 109 1.38 18.64 -2.55
N SER A 110 2.17 19.16 -3.50
CA SER A 110 3.54 18.69 -3.68
C SER A 110 4.44 19.82 -4.14
N PHE A 111 5.73 19.69 -3.83
CA PHE A 111 6.71 20.69 -4.20
C PHE A 111 8.11 20.13 -3.95
N LYS A 112 9.13 20.90 -4.31
CA LYS A 112 10.50 20.47 -4.06
C LYS A 112 11.38 21.67 -3.76
N ASP A 113 12.54 21.41 -3.19
CA ASP A 113 13.51 22.47 -2.98
C ASP A 113 14.89 21.94 -3.35
N ASN A 114 15.94 22.63 -2.93
CA ASN A 114 17.28 22.22 -3.36
C ASN A 114 17.61 20.78 -2.96
N SER A 115 17.09 20.34 -1.82
CA SER A 115 17.48 19.05 -1.24
C SER A 115 16.44 17.95 -1.37
N ASN A 116 15.17 18.31 -1.19
CA ASN A 116 14.12 17.32 -0.99
C ASN A 116 12.96 17.43 -1.96
N LEU A 117 12.22 16.33 -2.07
CA LEU A 117 10.89 16.32 -2.67
C LEU A 117 9.91 16.23 -1.52
N TYR A 118 8.75 16.89 -1.67
CA TYR A 118 7.73 16.87 -0.63
C TYR A 118 6.38 16.47 -1.20
N MET A 119 5.71 15.57 -0.51
CA MET A 119 4.36 15.14 -0.83
CA MET A 119 4.34 15.17 -0.84
C MET A 119 3.48 15.31 0.41
N VAL A 120 2.58 16.28 0.39
CA VAL A 120 1.74 16.56 1.55
C VAL A 120 0.43 15.81 1.37
N MET A 121 0.24 14.79 2.19
CA MET A 121 -0.88 13.90 2.03
C MET A 121 -1.88 14.05 3.17
N GLU A 122 -3.06 13.47 2.96
CA GLU A 122 -4.07 13.36 4.00
C GLU A 122 -3.48 12.72 5.27
N TYR A 123 -3.72 13.32 6.42
CA TYR A 123 -3.33 12.73 7.70
C TYR A 123 -4.37 11.71 8.16
N VAL A 124 -3.91 10.47 8.34
CA VAL A 124 -4.78 9.36 8.73
C VAL A 124 -4.44 8.96 10.17
N PRO A 125 -5.29 9.36 11.12
CA PRO A 125 -4.90 9.41 12.53
C PRO A 125 -4.86 8.08 13.29
N GLY A 126 -5.45 7.03 12.73
CA GLY A 126 -5.60 5.78 13.46
C GLY A 126 -4.39 4.87 13.45
N GLY A 127 -3.31 5.29 12.78
CA GLY A 127 -2.11 4.48 12.73
C GLY A 127 -2.10 3.40 11.67
N GLU A 128 -1.00 2.66 11.59
CA GLU A 128 -0.86 1.59 10.59
C GLU A 128 -1.60 0.33 11.00
N MET A 129 -2.22 -0.34 10.03
CA MET A 129 -2.79 -1.65 10.31
C MET A 129 -1.74 -2.56 10.95
N PHE A 130 -0.50 -2.43 10.48
CA PHE A 130 0.62 -3.19 11.03
C PHE A 130 0.65 -3.13 12.56
N SER A 131 0.51 -1.93 13.11
CA SER A 131 0.64 -1.75 14.55
C SER A 131 -0.46 -2.51 15.29
N HIS A 132 -1.68 -2.39 14.80
CA HIS A 132 -2.83 -3.00 15.47
C HIS A 132 -2.79 -4.52 15.34
N LEU A 133 -2.43 -4.99 14.14
CA LEU A 133 -2.35 -6.42 13.88
C LEU A 133 -1.30 -7.09 14.77
N ARG A 134 -0.12 -6.48 14.88
CA ARG A 134 0.92 -7.06 15.71
C ARG A 134 0.51 -7.05 17.18
N ARG A 135 -0.09 -5.97 17.64
CA ARG A 135 -0.45 -5.85 19.05
C ARG A 135 -1.56 -6.83 19.44
N ILE A 136 -2.62 -6.90 18.61
CA ILE A 136 -3.77 -7.75 18.91
C ILE A 136 -3.47 -9.22 18.61
N GLY A 137 -2.49 -9.46 17.73
CA GLY A 137 -2.11 -10.82 17.36
C GLY A 137 -2.65 -11.23 16.00
N ARG A 138 -3.97 -11.32 15.92
CA ARG A 138 -4.66 -11.60 14.66
C ARG A 138 -6.05 -10.99 14.69
N PHE A 139 -6.62 -10.81 13.50
CA PHE A 139 -7.98 -10.29 13.37
C PHE A 139 -8.95 -11.46 13.16
N SER A 140 -10.18 -11.32 13.64
CA SER A 140 -11.24 -12.27 13.34
C SER A 140 -11.52 -12.27 11.85
N GLU A 141 -12.15 -13.31 11.34
CA GLU A 141 -12.42 -13.36 9.91
C GLU A 141 -13.32 -12.22 9.46
N PRO A 142 -14.36 -11.89 10.23
CA PRO A 142 -15.17 -10.72 9.86
C PRO A 142 -14.35 -9.42 9.83
N HIS A 143 -13.44 -9.24 10.77
CA HIS A 143 -12.59 -8.07 10.84
C HIS A 143 -11.67 -8.02 9.62
N ALA A 144 -11.02 -9.14 9.33
CA ALA A 144 -10.14 -9.25 8.16
C ALA A 144 -10.91 -9.04 6.86
N ARG A 145 -12.11 -9.61 6.78
CA ARG A 145 -12.98 -9.50 5.61
C ARG A 145 -13.33 -8.03 5.31
N PHE A 146 -13.64 -7.28 6.36
CA PHE A 146 -13.95 -5.85 6.22
C PHE A 146 -12.83 -5.09 5.52
N TYR A 147 -11.60 -5.29 5.98
CA TYR A 147 -10.43 -4.66 5.35
C TYR A 147 -10.20 -5.20 3.95
N ALA A 148 -10.27 -6.53 3.81
CA ALA A 148 -10.02 -7.16 2.53
C ALA A 148 -10.95 -6.60 1.46
N ALA A 149 -12.22 -6.41 1.82
CA ALA A 149 -13.20 -5.89 0.88
C ALA A 149 -12.77 -4.52 0.32
N GLN A 150 -12.20 -3.70 1.20
CA GLN A 150 -11.74 -2.37 0.78
C GLN A 150 -10.57 -2.46 -0.17
N ILE A 151 -9.67 -3.40 0.08
CA ILE A 151 -8.52 -3.60 -0.82
C ILE A 151 -9.01 -4.12 -2.18
N VAL A 152 -9.96 -5.05 -2.17
CA VAL A 152 -10.52 -5.58 -3.42
C VAL A 152 -11.08 -4.47 -4.30
N LEU A 153 -11.88 -3.58 -3.70
CA LEU A 153 -12.45 -2.45 -4.44
C LEU A 153 -11.37 -1.48 -4.92
N THR A 154 -10.34 -1.29 -4.10
CA THR A 154 -9.28 -0.35 -4.44
C THR A 154 -8.46 -0.87 -5.61
N PHE A 155 -8.15 -2.16 -5.59
CA PHE A 155 -7.43 -2.78 -6.69
C PHE A 155 -8.28 -2.80 -7.96
N GLU A 156 -9.57 -3.09 -7.83
CA GLU A 156 -10.46 -2.99 -8.99
C GLU A 156 -10.32 -1.61 -9.66
N TYR A 157 -10.38 -0.56 -8.84
CA TYR A 157 -10.21 0.81 -9.31
C TYR A 157 -8.83 1.03 -9.94
N LEU A 158 -7.77 0.76 -9.18
CA LEU A 158 -6.42 0.94 -9.70
C LEU A 158 -6.16 0.18 -11.01
N HIS A 159 -6.52 -1.09 -11.05
CA HIS A 159 -6.22 -1.91 -12.21
C HIS A 159 -6.99 -1.44 -13.44
N SER A 160 -8.17 -0.88 -13.24
CA SER A 160 -8.97 -0.39 -14.36
C SER A 160 -8.28 0.82 -15.01
N LEU A 161 -7.39 1.47 -14.27
CA LEU A 161 -6.65 2.62 -14.77
C LEU A 161 -5.30 2.16 -15.32
N ASP A 162 -5.11 0.85 -15.43
CA ASP A 162 -3.85 0.24 -15.86
C ASP A 162 -2.72 0.46 -14.86
N LEU A 163 -3.08 0.61 -13.59
CA LEU A 163 -2.08 0.81 -12.55
C LEU A 163 -1.89 -0.47 -11.76
N ILE A 164 -0.63 -0.82 -11.51
CA ILE A 164 -0.30 -1.91 -10.60
CA ILE A 164 -0.32 -1.90 -10.59
C ILE A 164 0.27 -1.27 -9.33
N TYR A 165 -0.12 -1.79 -8.18
CA TYR A 165 0.24 -1.15 -6.92
C TYR A 165 1.60 -1.61 -6.40
N ARG A 166 1.75 -2.93 -6.26
CA ARG A 166 3.06 -3.56 -6.03
C ARG A 166 3.69 -3.42 -4.64
N ASP A 167 2.96 -2.93 -3.65
CA ASP A 167 3.53 -2.95 -2.30
C ASP A 167 2.51 -3.11 -1.20
N LEU A 168 1.54 -3.98 -1.42
CA LEU A 168 0.54 -4.25 -0.40
C LEU A 168 1.20 -4.91 0.80
N LYS A 169 0.89 -4.38 1.99
CA LYS A 169 1.33 -4.94 3.28
C LYS A 169 0.70 -4.09 4.38
N PRO A 170 0.57 -4.65 5.59
CA PRO A 170 -0.08 -3.90 6.67
C PRO A 170 0.61 -2.58 7.04
N GLU A 171 1.93 -2.48 6.79
CA GLU A 171 2.69 -1.28 7.08
C GLU A 171 2.18 -0.10 6.23
N ASN A 172 1.62 -0.42 5.07
CA ASN A 172 1.16 0.61 4.12
C ASN A 172 -0.33 0.91 4.20
N LEU A 173 -1.02 0.32 5.16
CA LEU A 173 -2.45 0.50 5.26
C LEU A 173 -2.75 1.25 6.54
N LEU A 174 -3.30 2.46 6.43
CA LEU A 174 -3.56 3.28 7.61
C LEU A 174 -5.05 3.21 7.95
N ILE A 175 -5.39 3.35 9.23
CA ILE A 175 -6.78 3.29 9.66
C ILE A 175 -7.29 4.69 9.99
N ASP A 176 -8.41 5.09 9.38
CA ASP A 176 -8.94 6.42 9.60
C ASP A 176 -9.85 6.49 10.81
N GLN A 177 -10.42 7.67 11.05
CA GLN A 177 -11.17 7.92 12.28
C GLN A 177 -12.42 7.05 12.38
N GLN A 178 -12.92 6.59 11.24
CA GLN A 178 -14.10 5.73 11.22
C GLN A 178 -13.75 4.25 11.09
N GLY A 179 -12.46 3.94 11.11
CA GLY A 179 -12.01 2.56 11.07
C GLY A 179 -11.85 1.96 9.68
N TYR A 180 -11.96 2.80 8.65
CA TYR A 180 -11.75 2.34 7.28
C TYR A 180 -10.28 2.48 6.91
N ILE A 181 -9.85 1.71 5.91
CA ILE A 181 -8.47 1.71 5.43
C ILE A 181 -8.18 2.83 4.45
N GLN A 182 -6.95 3.36 4.53
CA GLN A 182 -6.43 4.26 3.52
C GLN A 182 -5.08 3.70 3.07
N VAL A 183 -4.97 3.38 1.79
CA VAL A 183 -3.71 2.87 1.23
C VAL A 183 -2.72 4.01 1.03
N THR A 184 -1.50 3.80 1.50
CA THR A 184 -0.44 4.77 1.32
C THR A 184 0.76 4.16 0.61
N ASP A 185 1.77 5.00 0.35
CA ASP A 185 3.02 4.60 -0.32
C ASP A 185 2.85 4.02 -1.72
N PHE A 186 2.82 4.93 -2.69
CA PHE A 186 2.71 4.56 -4.10
C PHE A 186 4.09 4.51 -4.76
N GLY A 187 5.13 4.29 -3.95
CA GLY A 187 6.48 4.26 -4.46
C GLY A 187 6.77 3.26 -5.58
N PHE A 188 6.03 2.15 -5.63
CA PHE A 188 6.20 1.16 -6.68
C PHE A 188 5.00 1.13 -7.62
N ALA A 189 4.06 2.06 -7.46
CA ALA A 189 2.93 2.07 -8.38
C ALA A 189 3.38 2.42 -9.80
N LYS A 190 2.75 1.80 -10.80
CA LYS A 190 3.22 2.02 -12.17
C LYS A 190 2.05 1.89 -13.11
N ARG A 191 2.00 2.77 -14.11
CA ARG A 191 0.98 2.64 -15.14
C ARG A 191 1.53 1.85 -16.31
N VAL A 192 0.97 0.67 -16.55
CA VAL A 192 1.54 -0.22 -17.55
C VAL A 192 0.48 -1.04 -18.24
N LYS A 193 0.56 -1.09 -19.57
CA LYS A 193 -0.30 -1.97 -20.34
C LYS A 193 0.51 -3.20 -20.70
N GLY A 194 -0.03 -4.37 -20.37
CA GLY A 194 0.70 -5.59 -20.61
C GLY A 194 1.54 -5.95 -19.39
N ARG A 195 2.83 -6.15 -19.59
CA ARG A 195 3.65 -6.71 -18.52
C ARG A 195 4.87 -5.88 -18.18
N THR A 196 5.43 -6.15 -17.01
CA THR A 196 6.62 -5.44 -16.57
C THR A 196 7.57 -6.38 -15.81
N TRP A 197 8.76 -5.91 -15.47
CA TRP A 197 9.81 -6.81 -15.00
C TRP A 197 10.55 -6.41 -13.73
N TPO A 198 10.29 -5.23 -13.20
CA TPO A 198 11.07 -4.78 -12.06
CB TPO A 198 10.70 -3.34 -11.68
CG2 TPO A 198 11.62 -2.86 -10.55
OG1 TPO A 198 10.95 -2.52 -12.80
P TPO A 198 9.62 -1.74 -13.28
O1P TPO A 198 9.24 -0.73 -12.27
O2P TPO A 198 8.43 -2.78 -13.46
O3P TPO A 198 9.98 -1.08 -14.68
C TPO A 198 10.97 -5.69 -10.83
O TPO A 198 9.87 -6.08 -10.41
N LEU A 199 12.11 -6.06 -10.26
CA LEU A 199 12.10 -6.80 -9.01
C LEU A 199 11.92 -5.81 -7.88
N CYS A 200 10.68 -5.67 -7.40
CA CYS A 200 10.37 -4.72 -6.34
C CYS A 200 9.17 -5.23 -5.58
N GLY A 201 9.03 -4.75 -4.36
CA GLY A 201 7.96 -5.18 -3.47
C GLY A 201 8.59 -5.44 -2.11
N THR A 202 7.90 -6.24 -1.30
CA THR A 202 8.40 -6.64 0.01
C THR A 202 8.44 -8.17 0.00
N PRO A 203 9.56 -8.77 0.49
CA PRO A 203 9.77 -10.21 0.28
C PRO A 203 8.56 -11.10 0.57
N GLU A 204 7.95 -10.98 1.75
CA GLU A 204 6.82 -11.83 2.13
C GLU A 204 5.65 -11.76 1.16
N TYR A 205 5.56 -10.65 0.41
CA TYR A 205 4.39 -10.38 -0.43
C TYR A 205 4.62 -10.61 -1.92
N LEU A 206 5.83 -11.01 -2.31
CA LEU A 206 6.14 -11.19 -3.73
C LEU A 206 5.47 -12.42 -4.34
N ALA A 207 4.80 -12.23 -5.48
CA ALA A 207 4.32 -13.36 -6.29
C ALA A 207 5.47 -14.16 -6.87
N PRO A 208 5.25 -15.46 -7.12
CA PRO A 208 6.31 -16.31 -7.64
C PRO A 208 6.90 -15.77 -8.94
N GLU A 209 6.04 -15.23 -9.81
CA GLU A 209 6.53 -14.77 -11.11
C GLU A 209 7.51 -13.61 -10.98
N ILE A 210 7.39 -12.81 -9.92
CA ILE A 210 8.35 -11.74 -9.70
C ILE A 210 9.72 -12.31 -9.33
N ILE A 211 9.70 -13.27 -8.39
CA ILE A 211 10.90 -13.90 -7.88
C ILE A 211 11.65 -14.62 -9.00
N LEU A 212 10.89 -15.25 -9.89
CA LEU A 212 11.47 -16.04 -10.97
C LEU A 212 11.82 -15.24 -12.22
N SER A 213 11.69 -13.91 -12.12
CA SER A 213 11.99 -13.02 -13.27
C SER A 213 11.22 -13.37 -14.55
N LYS A 214 9.96 -13.76 -14.41
CA LYS A 214 9.17 -14.24 -15.56
C LYS A 214 8.49 -13.15 -16.38
N GLY A 215 8.53 -11.92 -15.89
CA GLY A 215 7.66 -10.89 -16.43
C GLY A 215 6.34 -11.06 -15.70
N TYR A 216 5.65 -9.96 -15.42
CA TYR A 216 4.43 -10.07 -14.62
C TYR A 216 3.45 -8.94 -14.86
N ASN A 217 2.25 -9.10 -14.32
CA ASN A 217 1.21 -8.11 -14.53
C ASN A 217 0.43 -7.89 -13.25
N LYS A 218 -0.78 -7.34 -13.39
CA LYS A 218 -1.55 -6.96 -12.21
C LYS A 218 -1.92 -8.15 -11.32
N ALA A 219 -1.82 -9.37 -11.84
CA ALA A 219 -2.06 -10.55 -11.03
C ALA A 219 -1.19 -10.57 -9.76
N VAL A 220 -0.08 -9.86 -9.76
CA VAL A 220 0.77 -9.89 -8.58
C VAL A 220 0.09 -9.20 -7.40
N ASP A 221 -0.77 -8.22 -7.66
CA ASP A 221 -1.51 -7.57 -6.59
C ASP A 221 -2.51 -8.53 -5.98
N TRP A 222 -3.12 -9.38 -6.80
CA TRP A 222 -4.08 -10.36 -6.25
C TRP A 222 -3.39 -11.45 -5.39
N TRP A 223 -2.20 -11.89 -5.80
CA TRP A 223 -1.40 -12.77 -4.96
C TRP A 223 -1.10 -12.07 -3.64
N ALA A 224 -0.72 -10.80 -3.72
CA ALA A 224 -0.42 -10.02 -2.51
C ALA A 224 -1.63 -9.89 -1.57
N LEU A 225 -2.83 -9.77 -2.15
CA LEU A 225 -4.06 -9.76 -1.36
C LEU A 225 -4.19 -11.06 -0.56
N GLY A 226 -3.89 -12.18 -1.22
CA GLY A 226 -3.89 -13.47 -0.54
C GLY A 226 -2.97 -13.48 0.66
N VAL A 227 -1.76 -12.93 0.48
CA VAL A 227 -0.81 -12.86 1.57
C VAL A 227 -1.35 -12.00 2.71
N LEU A 228 -1.88 -10.83 2.35
CA LEU A 228 -2.45 -9.93 3.35
C LEU A 228 -3.57 -10.56 4.15
N ILE A 229 -4.52 -11.19 3.45
CA ILE A 229 -5.67 -11.78 4.12
C ILE A 229 -5.20 -12.87 5.06
N TYR A 230 -4.27 -13.70 4.57
CA TYR A 230 -3.70 -14.74 5.40
C TYR A 230 -3.07 -14.14 6.64
N GLU A 231 -2.23 -13.13 6.45
CA GLU A 231 -1.54 -12.51 7.59
C GLU A 231 -2.53 -11.87 8.58
N MET A 232 -3.57 -11.21 8.06
CA MET A 232 -4.55 -10.61 8.97
C MET A 232 -5.24 -11.67 9.81
N ALA A 233 -5.58 -12.80 9.19
CA ALA A 233 -6.40 -13.82 9.87
C ALA A 233 -5.57 -14.78 10.73
N ALA A 234 -4.30 -14.97 10.37
CA ALA A 234 -3.42 -15.88 11.10
C ALA A 234 -2.57 -15.15 12.16
N GLY A 235 -2.19 -13.92 11.88
CA GLY A 235 -1.28 -13.17 12.73
C GLY A 235 0.16 -13.27 12.27
N TYR A 236 0.39 -14.08 11.24
CA TYR A 236 1.70 -14.22 10.61
C TYR A 236 1.47 -14.51 9.13
N PRO A 237 2.46 -14.17 8.28
CA PRO A 237 2.27 -14.39 6.85
C PRO A 237 2.50 -15.86 6.46
N PRO A 238 2.02 -16.25 5.27
CA PRO A 238 2.08 -17.66 4.85
C PRO A 238 3.51 -18.14 4.54
N PHE A 239 4.40 -17.21 4.21
CA PHE A 239 5.80 -17.53 3.94
C PHE A 239 6.72 -16.59 4.73
N PHE A 240 7.42 -17.13 5.72
CA PHE A 240 8.40 -16.35 6.45
C PHE A 240 9.63 -17.16 6.86
N ALA A 241 10.74 -16.43 7.05
CA ALA A 241 12.02 -17.01 7.41
C ALA A 241 12.93 -15.84 7.75
N ASP A 242 14.01 -16.09 8.47
CA ASP A 242 14.86 -15.01 8.91
C ASP A 242 15.56 -14.30 7.75
N GLN A 243 15.75 -15.00 6.65
CA GLN A 243 16.40 -14.41 5.48
C GLN A 243 15.51 -14.46 4.23
N PRO A 244 15.46 -13.35 3.48
CA PRO A 244 14.64 -13.26 2.27
C PRO A 244 14.83 -14.43 1.29
N ILE A 245 16.07 -14.89 1.09
CA ILE A 245 16.33 -16.02 0.20
C ILE A 245 15.46 -17.22 0.57
N GLN A 246 15.35 -17.51 1.88
CA GLN A 246 14.55 -18.64 2.34
C GLN A 246 13.07 -18.38 2.13
N ILE A 247 12.66 -17.12 2.27
CA ILE A 247 11.29 -16.75 2.01
C ILE A 247 10.95 -17.00 0.54
N TYR A 248 11.84 -16.59 -0.35
CA TYR A 248 11.66 -16.82 -1.78
C TYR A 248 11.53 -18.30 -2.10
N GLU A 249 12.34 -19.13 -1.46
CA GLU A 249 12.27 -20.57 -1.68
C GLU A 249 10.89 -21.11 -1.30
N LYS A 250 10.33 -20.62 -0.21
CA LYS A 250 9.01 -21.09 0.24
C LYS A 250 7.90 -20.64 -0.69
N ILE A 251 7.99 -19.40 -1.17
CA ILE A 251 7.00 -18.85 -2.09
C ILE A 251 6.92 -19.66 -3.39
N VAL A 252 8.07 -19.97 -3.97
CA VAL A 252 8.12 -20.63 -5.26
C VAL A 252 7.64 -22.07 -5.16
N SER A 253 7.75 -22.65 -3.96
CA SER A 253 7.17 -23.96 -3.69
CA SER A 253 7.17 -23.96 -3.70
C SER A 253 5.66 -23.80 -3.67
N GLY A 254 5.21 -22.68 -3.11
CA GLY A 254 3.80 -22.34 -3.04
C GLY A 254 3.03 -23.24 -2.09
N LYS A 255 3.71 -24.17 -1.45
CA LYS A 255 3.08 -25.04 -0.46
C LYS A 255 2.65 -24.23 0.74
N VAL A 256 1.35 -23.99 0.85
CA VAL A 256 0.83 -23.18 1.94
C VAL A 256 0.12 -24.06 2.95
N ARG A 257 0.34 -23.78 4.23
CA ARG A 257 -0.38 -24.45 5.31
C ARG A 257 -1.25 -23.43 6.04
N PHE A 258 -2.47 -23.83 6.40
CA PHE A 258 -3.41 -22.93 7.06
C PHE A 258 -3.60 -23.31 8.52
N PRO A 259 -3.73 -22.30 9.39
CA PRO A 259 -4.07 -22.55 10.79
C PRO A 259 -5.36 -23.36 10.88
N SER A 260 -5.51 -24.16 11.93
CA SER A 260 -6.69 -24.98 12.09
C SER A 260 -7.96 -24.17 12.29
N HIS A 261 -7.82 -22.91 12.70
CA HIS A 261 -8.99 -22.07 12.92
C HIS A 261 -9.52 -21.38 11.66
N PHE A 262 -8.76 -21.47 10.57
CA PHE A 262 -9.24 -20.93 9.30
C PHE A 262 -10.51 -21.65 8.84
N SER A 263 -11.53 -20.88 8.47
CA SER A 263 -12.76 -21.45 7.92
C SER A 263 -12.49 -22.14 6.59
N SER A 264 -13.36 -23.07 6.22
CA SER A 264 -13.23 -23.77 4.94
C SER A 264 -13.28 -22.79 3.77
N ASP A 265 -14.18 -21.82 3.86
CA ASP A 265 -14.29 -20.80 2.82
C ASP A 265 -13.02 -19.98 2.71
N LEU A 266 -12.46 -19.57 3.84
CA LEU A 266 -11.24 -18.77 3.82
C LEU A 266 -10.12 -19.52 3.13
N LYS A 267 -9.93 -20.77 3.51
CA LYS A 267 -8.86 -21.59 2.92
C LYS A 267 -9.06 -21.71 1.41
N ASP A 268 -10.31 -21.92 1.00
CA ASP A 268 -10.60 -22.03 -0.42
C ASP A 268 -10.24 -20.75 -1.16
N LEU A 269 -10.61 -19.60 -0.63
CA LEU A 269 -10.28 -18.33 -1.26
C LEU A 269 -8.77 -18.19 -1.36
N LEU A 270 -8.09 -18.50 -0.27
CA LEU A 270 -6.64 -18.33 -0.24
C LEU A 270 -5.91 -19.24 -1.21
N ARG A 271 -6.40 -20.46 -1.39
CA ARG A 271 -5.79 -21.37 -2.37
C ARG A 271 -5.92 -20.81 -3.78
N ASN A 272 -6.98 -20.06 -4.03
CA ASN A 272 -7.20 -19.46 -5.34
C ASN A 272 -6.45 -18.14 -5.55
N LEU A 273 -6.10 -17.46 -4.45
CA LEU A 273 -5.30 -16.24 -4.57
C LEU A 273 -3.81 -16.56 -4.55
N LEU A 274 -3.42 -17.46 -3.65
CA LEU A 274 -2.03 -17.88 -3.55
C LEU A 274 -1.79 -19.03 -4.52
N GLN A 275 -2.22 -18.82 -5.75
CA GLN A 275 -2.10 -19.80 -6.82
C GLN A 275 -0.89 -19.46 -7.67
N VAL A 276 0.05 -20.38 -7.77
CA VAL A 276 1.26 -20.16 -8.57
C VAL A 276 0.93 -20.09 -10.06
N ASP A 277 -0.12 -20.83 -10.45
CA ASP A 277 -0.52 -20.92 -11.86
C ASP A 277 -1.34 -19.69 -12.26
N LEU A 278 -0.78 -18.88 -13.15
CA LEU A 278 -1.43 -17.63 -13.55
C LEU A 278 -2.77 -17.80 -14.27
N THR A 279 -2.99 -18.97 -14.88
CA THR A 279 -4.25 -19.20 -15.58
C THR A 279 -5.33 -19.65 -14.63
N LYS A 280 -4.98 -19.78 -13.34
CA LYS A 280 -5.94 -20.23 -12.35
C LYS A 280 -6.12 -19.22 -11.21
N ARG A 281 -5.28 -18.19 -11.17
CA ARG A 281 -5.29 -17.29 -10.02
C ARG A 281 -6.49 -16.34 -10.05
N PHE A 282 -7.28 -16.35 -8.99
CA PHE A 282 -8.41 -15.44 -8.87
C PHE A 282 -8.00 -13.98 -9.05
N GLY A 283 -8.86 -13.22 -9.71
CA GLY A 283 -8.57 -11.84 -10.03
C GLY A 283 -8.02 -11.73 -11.44
N ASN A 284 -7.53 -12.86 -11.96
CA ASN A 284 -6.84 -12.87 -13.26
C ASN A 284 -7.52 -13.78 -14.29
N LEU A 285 -8.70 -14.27 -13.95
CA LEU A 285 -9.45 -15.14 -14.86
C LEU A 285 -10.41 -14.32 -15.72
N LYS A 286 -11.12 -15.00 -16.61
CA LYS A 286 -12.05 -14.34 -17.52
C LYS A 286 -12.96 -13.35 -16.79
N ASN A 287 -13.49 -13.77 -15.64
CA ASN A 287 -14.38 -12.93 -14.85
C ASN A 287 -13.67 -11.96 -13.89
N GLY A 288 -12.35 -11.90 -13.98
CA GLY A 288 -11.59 -10.89 -13.25
C GLY A 288 -11.93 -10.78 -11.78
N VAL A 289 -12.17 -9.57 -11.31
CA VAL A 289 -12.38 -9.32 -9.87
C VAL A 289 -13.65 -9.96 -9.35
N ASN A 290 -14.57 -10.29 -10.24
CA ASN A 290 -15.85 -10.86 -9.80
C ASN A 290 -15.72 -12.27 -9.24
N ASP A 291 -14.65 -12.98 -9.61
CA ASP A 291 -14.38 -14.27 -9.01
C ASP A 291 -14.10 -14.10 -7.52
N ILE A 292 -13.50 -12.98 -7.16
CA ILE A 292 -13.26 -12.67 -5.75
C ILE A 292 -14.53 -12.19 -5.05
N LYS A 293 -15.18 -11.17 -5.62
CA LYS A 293 -16.38 -10.60 -5.01
C LYS A 293 -17.47 -11.63 -4.75
N ASN A 294 -17.62 -12.58 -5.67
CA ASN A 294 -18.68 -13.57 -5.57
C ASN A 294 -18.28 -14.81 -4.79
N HIS A 295 -17.03 -14.86 -4.34
CA HIS A 295 -16.56 -16.02 -3.58
C HIS A 295 -17.34 -16.16 -2.28
N LYS A 296 -17.53 -17.40 -1.85
CA LYS A 296 -18.32 -17.69 -0.65
C LYS A 296 -17.83 -16.96 0.61
N TRP A 297 -16.52 -16.78 0.75
CA TRP A 297 -16.00 -16.11 1.95
C TRP A 297 -16.52 -14.67 2.05
N PHE A 298 -16.88 -14.09 0.91
CA PHE A 298 -17.36 -12.71 0.87
C PHE A 298 -18.89 -12.66 0.80
N ALA A 299 -19.53 -13.80 1.04
CA ALA A 299 -20.98 -13.88 0.95
C ALA A 299 -21.68 -12.84 1.80
N THR A 300 -21.11 -12.52 2.96
CA THR A 300 -21.74 -11.59 3.89
C THR A 300 -21.40 -10.14 3.57
N THR A 301 -20.59 -9.93 2.53
CA THR A 301 -20.09 -8.61 2.21
C THR A 301 -21.01 -7.85 1.26
N ASP A 302 -21.43 -6.66 1.68
CA ASP A 302 -22.21 -5.77 0.81
C ASP A 302 -21.26 -4.78 0.14
N TRP A 303 -20.89 -5.06 -1.10
CA TRP A 303 -19.82 -4.33 -1.77
C TRP A 303 -20.13 -2.85 -1.95
N ILE A 304 -21.39 -2.53 -2.21
CA ILE A 304 -21.79 -1.14 -2.37
C ILE A 304 -21.74 -0.40 -1.03
N ALA A 305 -22.18 -1.06 0.04
CA ALA A 305 -22.17 -0.47 1.37
C ALA A 305 -20.75 -0.16 1.83
N ILE A 306 -19.82 -1.06 1.51
CA ILE A 306 -18.40 -0.84 1.81
C ILE A 306 -17.90 0.41 1.09
N TYR A 307 -18.10 0.46 -0.22
CA TYR A 307 -17.68 1.63 -0.99
C TYR A 307 -18.27 2.92 -0.44
N GLN A 308 -19.51 2.84 0.04
CA GLN A 308 -20.20 4.02 0.56
C GLN A 308 -19.90 4.29 2.02
N ARG A 309 -19.04 3.46 2.62
CA ARG A 309 -18.66 3.64 4.01
C ARG A 309 -19.89 3.61 4.91
N LYS A 310 -20.88 2.81 4.54
CA LYS A 310 -22.11 2.70 5.33
C LYS A 310 -22.06 1.52 6.30
N VAL A 311 -20.96 0.77 6.27
CA VAL A 311 -20.79 -0.38 7.15
C VAL A 311 -20.11 0.03 8.45
N GLU A 312 -20.58 -0.50 9.57
CA GLU A 312 -19.95 -0.22 10.86
C GLU A 312 -18.63 -0.98 10.99
N ALA A 313 -17.55 -0.25 11.18
CA ALA A 313 -16.23 -0.86 11.28
C ALA A 313 -16.11 -1.75 12.51
N PRO A 314 -15.36 -2.85 12.40
CA PRO A 314 -15.18 -3.77 13.53
C PRO A 314 -14.25 -3.18 14.59
N PHE A 315 -13.58 -2.08 14.25
CA PHE A 315 -12.65 -1.44 15.15
C PHE A 315 -12.47 0.04 14.81
N ILE A 316 -12.71 0.92 15.77
CA ILE A 316 -12.39 2.33 15.54
C ILE A 316 -11.30 2.76 16.52
N PRO A 317 -10.27 3.44 16.01
CA PRO A 317 -9.10 3.77 16.85
C PRO A 317 -9.44 4.81 17.92
N LYS A 318 -8.73 4.74 19.04
CA LYS A 318 -8.90 5.72 20.12
C LYS A 318 -8.24 7.04 19.78
N PHE A 319 -8.99 8.13 19.94
CA PHE A 319 -8.50 9.47 19.65
C PHE A 319 -7.66 10.01 20.80
N ASP A 324 -3.32 14.57 18.20
CA ASP A 324 -2.96 13.39 18.97
C ASP A 324 -2.43 12.30 18.05
N THR A 325 -1.24 11.79 18.37
CA THR A 325 -0.55 10.84 17.50
C THR A 325 -0.26 9.50 18.18
N SER A 326 -0.96 9.21 19.28
CA SER A 326 -0.61 8.04 20.08
C SER A 326 -0.80 6.70 19.37
N ASN A 327 -1.48 6.70 18.22
CA ASN A 327 -1.63 5.48 17.42
C ASN A 327 -0.43 5.19 16.54
N PHE A 328 0.57 6.07 16.56
CA PHE A 328 1.83 5.88 15.83
C PHE A 328 2.99 5.73 16.80
N ASP A 329 3.97 4.92 16.41
CA ASP A 329 5.21 4.81 17.18
C ASP A 329 6.02 6.11 17.15
N ASP A 330 6.94 6.24 18.11
CA ASP A 330 7.88 7.36 18.14
C ASP A 330 9.09 7.05 17.29
N TYR A 331 9.57 8.04 16.54
CA TYR A 331 10.75 7.89 15.71
C TYR A 331 11.74 8.98 16.07
N GLU A 332 13.02 8.71 15.86
CA GLU A 332 14.04 9.73 16.07
C GLU A 332 13.82 10.87 15.07
N GLU A 333 13.90 12.09 15.58
CA GLU A 333 13.72 13.30 14.76
C GLU A 333 15.08 13.81 14.27
N GLU A 334 15.06 14.52 13.14
CA GLU A 334 16.27 15.16 12.62
C GLU A 334 15.91 16.47 11.95
N GLU A 335 16.79 17.47 12.04
CA GLU A 335 16.55 18.75 11.39
C GLU A 335 16.38 18.58 9.88
N ILE A 336 15.45 19.32 9.29
CA ILE A 336 15.24 19.28 7.85
C ILE A 336 16.10 20.32 7.16
N ARG A 337 17.39 20.02 6.99
CA ARG A 337 18.34 20.96 6.40
C ARG A 337 18.22 21.04 4.89
N VAL A 338 18.12 22.26 4.36
CA VAL A 338 18.03 22.47 2.92
C VAL A 338 19.32 23.10 2.42
N SEP A 339 19.97 22.43 1.48
CA SEP A 339 21.26 22.86 0.97
CB SEP A 339 21.88 21.76 0.10
OG SEP A 339 23.00 22.21 -0.63
C SEP A 339 21.15 24.18 0.18
O SEP A 339 20.08 24.48 -0.39
P SEP A 339 24.39 22.05 0.18
O1P SEP A 339 24.33 20.71 1.07
O2P SEP A 339 24.59 23.34 1.09
O3P SEP A 339 25.55 21.92 -0.92
N ILE A 340 22.22 24.94 0.15
CA ILE A 340 22.22 26.20 -0.60
C ILE A 340 22.47 25.95 -2.09
N ASN A 341 22.69 24.68 -2.43
CA ASN A 341 22.89 24.25 -3.81
C ASN A 341 21.81 23.27 -4.25
N GLU A 342 21.28 23.47 -5.45
CA GLU A 342 20.28 22.56 -5.97
C GLU A 342 20.89 21.19 -6.26
N LYS A 343 20.24 20.15 -5.76
CA LYS A 343 20.70 18.78 -5.99
C LYS A 343 19.79 18.07 -6.99
N CYS A 344 20.41 17.39 -7.97
CA CYS A 344 19.68 16.49 -8.87
C CYS A 344 18.51 17.20 -9.57
N GLY A 345 18.72 18.44 -9.99
CA GLY A 345 17.62 19.21 -10.56
C GLY A 345 17.06 18.57 -11.83
N LYS A 346 17.96 18.18 -12.74
CA LYS A 346 17.52 17.61 -14.01
C LYS A 346 16.72 16.33 -13.79
N GLU A 347 17.18 15.49 -12.89
CA GLU A 347 16.53 14.22 -12.64
C GLU A 347 15.06 14.39 -12.25
N PHE A 348 14.77 15.43 -11.47
CA PHE A 348 13.43 15.58 -10.89
C PHE A 348 12.65 16.75 -11.49
N SER A 349 13.07 17.17 -12.67
CA SER A 349 12.47 18.30 -13.36
C SER A 349 10.94 18.27 -13.36
N GLU A 350 10.35 17.10 -13.64
CA GLU A 350 8.90 17.02 -13.78
C GLU A 350 8.14 16.94 -12.46
N PHE A 351 8.85 16.74 -11.35
CA PHE A 351 8.18 16.61 -10.08
C PHE A 351 7.51 17.93 -9.69
N THR B 1 4.64 -24.02 17.82
CA THR B 1 3.57 -23.47 17.00
C THR B 1 4.15 -22.51 15.98
N THR B 2 3.47 -22.38 14.85
CA THR B 2 3.92 -21.45 13.84
C THR B 2 3.92 -20.03 14.38
N TYR B 3 2.93 -19.67 15.18
CA TYR B 3 2.91 -18.35 15.79
C TYR B 3 4.18 -18.11 16.64
N ALA B 4 4.51 -19.08 17.49
CA ALA B 4 5.73 -18.96 18.29
C ALA B 4 6.98 -18.81 17.41
N ASP B 5 7.02 -19.54 16.31
CA ASP B 5 8.14 -19.47 15.39
C ASP B 5 8.22 -18.07 14.75
N PHE B 6 7.06 -17.52 14.40
CA PHE B 6 7.02 -16.16 13.87
C PHE B 6 7.54 -15.12 14.87
N ILE B 7 7.00 -15.15 16.08
CA ILE B 7 7.33 -14.14 17.09
C ILE B 7 8.80 -14.20 17.49
N ALA B 8 9.41 -15.38 17.36
CA ALA B 8 10.83 -15.54 17.66
C ALA B 8 11.72 -15.22 16.45
N SER B 9 11.09 -14.99 15.30
CA SER B 9 11.83 -14.71 14.05
C SER B 9 12.30 -13.26 13.99
N GLY B 10 13.14 -12.96 13.00
CA GLY B 10 13.63 -11.62 12.80
C GLY B 10 12.77 -10.77 11.88
N ARG B 11 11.58 -11.27 11.54
CA ARG B 11 10.71 -10.59 10.56
C ARG B 11 9.36 -10.12 11.12
N THR B 12 9.31 -9.76 12.40
CA THR B 12 8.05 -9.30 13.01
C THR B 12 7.93 -7.77 13.07
N GLY B 13 9.03 -7.08 12.78
CA GLY B 13 9.01 -5.63 12.70
C GLY B 13 8.65 -5.15 11.31
N ARG B 14 8.67 -3.84 11.12
CA ARG B 14 8.36 -3.27 9.81
C ARG B 14 9.31 -3.79 8.75
N ARG B 15 8.76 -4.21 7.63
CA ARG B 15 9.53 -4.89 6.60
C ARG B 15 9.90 -3.92 5.51
N ASN B 16 11.20 -3.81 5.25
CA ASN B 16 11.70 -2.98 4.15
C ASN B 16 11.28 -3.50 2.78
N ALA B 17 11.03 -2.57 1.86
CA ALA B 17 10.82 -2.94 0.46
C ALA B 17 12.16 -3.31 -0.12
N ILE B 18 12.15 -4.04 -1.23
CA ILE B 18 13.40 -4.30 -1.94
C ILE B 18 13.53 -3.22 -3.02
N HIS B 19 14.64 -2.49 -2.98
CA HIS B 19 14.91 -1.42 -3.94
C HIS B 19 15.99 -1.83 -4.95
C1 S69 C . 7.94 6.10 3.04
C2 S69 C . 6.73 5.27 3.14
C3 S69 C . 5.45 6.07 3.13
O4 S69 C . 4.97 6.57 2.08
N5 S69 C . 4.75 6.26 4.39
N6 S69 C . 3.62 6.96 4.37
C7 S69 C . 3.30 7.18 5.72
C8 S69 C . 2.02 7.99 5.96
C9 S69 C . 8.08 7.18 3.87
C10 S69 C . 9.22 7.99 3.78
C11 S69 C . 10.21 7.69 2.88
C12 S69 C . 10.06 6.63 2.05
O13 S69 C . 11.08 6.36 1.15
C14 S69 C . 10.96 5.23 0.31
C15 S69 C . 8.91 5.80 2.12
C16 S69 C . 1.63 8.18 7.30
C17 S69 C . 2.45 7.57 8.46
C18 S69 C . 0.47 8.92 7.59
C19 S69 C . -0.27 9.46 6.54
O20 S69 C . -1.40 10.17 6.84
C21 S69 C . 0.12 9.28 5.20
C22 S69 C . 1.31 8.52 4.92
O23 S69 C . 1.68 8.37 3.63
C1 BUD D . 10.52 -0.35 7.01
O1 BUD D . 11.15 1.86 6.58
C2 BUD D . 10.37 0.82 6.08
O2 BUD D . 8.78 2.36 5.14
C3 BUD D . 8.93 1.23 5.96
C4 BUD D . 8.16 0.09 5.38
#